data_6X5P
#
_entry.id   6X5P
#
_cell.length_a   100.547
_cell.length_b   100.547
_cell.length_c   97.799
_cell.angle_alpha   90
_cell.angle_beta   90
_cell.angle_gamma   90
#
_symmetry.space_group_name_H-M   'P 43 21 2'
#
loop_
_entity.id
_entity.type
_entity.pdbx_description
1 polymer 'Coagulation factor IX'
2 polymer 'Coagulation factor IX'
3 non-polymer 3-chloro-4-{[5-hydroxy-6-(4-methylphenyl)pyrimidin-4-yl]amino}benzene-1-carboximidamide
4 non-polymer 'CITRIC ACID'
5 non-polymer GLYCEROL
6 water water
#
loop_
_entity_poly.entity_id
_entity_poly.type
_entity_poly.pdbx_seq_one_letter_code
_entity_poly.pdbx_strand_id
1 'polypeptide(L)'
;VVGGEDAKPGQFPWQVVLNGKVDAFCGGSIVNEKWIVTAAHCVETGVKITVVAGEHNIEETEHTEQKRNVIRIIPHHNYN
AAINKYNHDIALLELDEPLVLNSYVTPICIADKEYTNIFLKFGSGYVSGWGRVFHKGASALVLQYLRVPLVDRATCLRST
KFTIYNNMFCAGFHEGGRDSCQGDSGGPHVTEVEGTSFLTGIISWGEECAMKGKYGIYTKVSRYVNWIKEKTKLT
;
A
2 'polypeptide(L)' MDVTCNIKNGRCEQFCKNSADNKVVCSCTEGYRLAENQKSCEPAVPFPCGRVSVSQTSKLTR B
#
# COMPACT_ATOMS: atom_id res chain seq x y z
N VAL A 1 -13.04 1.19 -4.08
CA VAL A 1 -13.31 1.47 -2.68
C VAL A 1 -14.76 1.82 -2.56
N VAL A 2 -15.52 1.04 -1.78
CA VAL A 2 -16.94 1.33 -1.51
C VAL A 2 -16.98 2.24 -0.29
N GLY A 3 -17.78 3.30 -0.34
CA GLY A 3 -17.95 4.19 0.79
C GLY A 3 -16.76 5.00 1.22
N GLY A 4 -15.88 5.35 0.27
CA GLY A 4 -14.71 6.16 0.54
C GLY A 4 -14.94 7.62 0.17
N GLU A 5 -13.87 8.37 0.04
CA GLU A 5 -13.93 9.79 -0.35
C GLU A 5 -12.99 10.04 -1.51
N ASP A 6 -13.23 11.11 -2.29
CA ASP A 6 -12.35 11.50 -3.37
C ASP A 6 -11.04 11.99 -2.74
N ALA A 7 -9.90 11.44 -3.19
CA ALA A 7 -8.60 11.89 -2.74
C ALA A 7 -8.33 13.25 -3.40
N LYS A 8 -7.65 14.17 -2.70
CA LYS A 8 -7.25 15.44 -3.31
C LYS A 8 -6.00 15.18 -4.17
N PRO A 9 -5.67 16.06 -5.16
CA PRO A 9 -4.44 15.84 -5.93
C PRO A 9 -3.19 15.72 -5.02
N GLY A 10 -2.36 14.71 -5.24
CA GLY A 10 -1.15 14.52 -4.46
C GLY A 10 -1.35 14.08 -3.02
N GLN A 11 -2.54 13.60 -2.64
CA GLN A 11 -2.81 13.14 -1.28
C GLN A 11 -2.20 11.75 -1.02
N PHE A 12 -2.09 10.91 -2.08
CA PHE A 12 -1.50 9.56 -1.98
C PHE A 12 -0.52 9.44 -3.16
N PRO A 13 0.59 10.22 -3.11
CA PRO A 13 1.50 10.27 -4.27
C PRO A 13 2.27 8.98 -4.57
N TRP A 14 2.14 7.98 -3.70
CA TRP A 14 2.77 6.67 -3.91
C TRP A 14 1.85 5.72 -4.70
N GLN A 15 0.59 6.11 -4.91
CA GLN A 15 -0.38 5.27 -5.61
C GLN A 15 -0.15 5.25 -7.10
N VAL A 16 -0.22 4.06 -7.71
CA VAL A 16 -0.20 3.94 -9.17
C VAL A 16 -1.39 3.09 -9.59
N VAL A 17 -1.76 3.21 -10.84
CA VAL A 17 -2.79 2.40 -11.42
C VAL A 17 -2.13 1.55 -12.50
N LEU A 18 -2.62 0.32 -12.69
CA LEU A 18 -2.13 -0.61 -13.70
C LEU A 18 -3.17 -0.69 -14.82
N ASN A 19 -2.71 -0.75 -16.08
CA ASN A 19 -3.54 -0.92 -17.26
C ASN A 19 -3.00 -2.14 -18.01
N GLY A 20 -3.88 -2.98 -18.51
CA GLY A 20 -3.51 -4.18 -19.24
C GLY A 20 -4.56 -4.44 -20.29
N LYS A 21 -5.19 -5.63 -20.28
CA LYS A 21 -6.28 -5.94 -21.22
C LYS A 21 -7.43 -4.92 -21.04
N VAL A 22 -7.71 -4.59 -19.77
CA VAL A 22 -8.67 -3.60 -19.29
C VAL A 22 -7.86 -2.51 -18.56
N ASP A 23 -8.25 -1.24 -18.68
CA ASP A 23 -7.56 -0.16 -17.96
C ASP A 23 -7.98 -0.13 -16.49
N ALA A 24 -7.08 0.31 -15.59
CA ALA A 24 -7.39 0.42 -14.16
C ALA A 24 -7.93 -0.87 -13.53
N PHE A 25 -7.34 -2.00 -13.87
CA PHE A 25 -7.77 -3.29 -13.34
C PHE A 25 -7.15 -3.64 -11.98
N CYS A 26 -6.06 -2.95 -11.60
CA CYS A 26 -5.38 -3.16 -10.32
C CYS A 26 -4.62 -1.86 -9.96
N GLY A 27 -4.18 -1.76 -8.72
CA GLY A 27 -3.35 -0.68 -8.25
C GLY A 27 -1.97 -1.19 -7.89
N GLY A 28 -1.15 -0.29 -7.40
CA GLY A 28 0.20 -0.59 -6.95
C GLY A 28 0.76 0.58 -6.15
N SER A 29 1.97 0.41 -5.59
CA SER A 29 2.62 1.46 -4.80
C SER A 29 4.05 1.65 -5.29
N ILE A 30 4.50 2.91 -5.30
CA ILE A 30 5.85 3.23 -5.74
C ILE A 30 6.81 2.82 -4.62
N VAL A 31 7.75 1.89 -4.90
CA VAL A 31 8.83 1.56 -3.93
C VAL A 31 9.95 2.59 -4.13
N ASN A 32 10.34 2.83 -5.38
CA ASN A 32 11.33 3.85 -5.72
C ASN A 32 11.11 4.24 -7.21
N GLU A 33 12.00 5.09 -7.80
CA GLU A 33 11.81 5.55 -9.18
C GLU A 33 11.66 4.43 -10.24
N LYS A 34 12.20 3.23 -9.99
CA LYS A 34 12.16 2.15 -11.00
C LYS A 34 11.25 1.00 -10.63
N TRP A 35 10.70 0.94 -9.41
CA TRP A 35 9.97 -0.23 -8.95
C TRP A 35 8.63 0.05 -8.32
N ILE A 36 7.65 -0.80 -8.65
CA ILE A 36 6.29 -0.78 -8.09
C ILE A 36 6.08 -2.10 -7.36
N VAL A 37 5.32 -2.08 -6.24
CA VAL A 37 4.93 -3.32 -5.55
C VAL A 37 3.40 -3.44 -5.76
N THR A 38 2.95 -4.64 -6.13
CA THR A 38 1.53 -4.90 -6.38
C THR A 38 1.22 -6.34 -5.88
N ALA A 39 0.02 -6.85 -6.18
CA ALA A 39 -0.37 -8.21 -5.85
C ALA A 39 0.08 -9.06 -7.04
N ALA A 40 0.50 -10.29 -6.78
CA ALA A 40 0.88 -11.21 -7.84
C ALA A 40 -0.30 -11.65 -8.72
N HIS A 41 -1.52 -11.76 -8.15
CA HIS A 41 -2.69 -12.17 -8.97
C HIS A 41 -3.04 -11.13 -10.03
N CYS A 42 -2.56 -9.89 -9.90
CA CYS A 42 -2.80 -8.84 -10.89
C CYS A 42 -1.95 -9.02 -12.15
N VAL A 43 -0.76 -9.57 -12.00
CA VAL A 43 0.21 -9.65 -13.08
C VAL A 43 0.60 -11.10 -13.36
N GLU A 44 -0.39 -12.02 -13.23
CA GLU A 44 -0.24 -13.46 -13.42
C GLU A 44 -0.57 -13.88 -14.85
N VAL A 47 1.12 -11.02 -20.28
CA VAL A 47 0.26 -9.87 -20.54
C VAL A 47 1.02 -8.55 -20.29
N LYS A 48 0.98 -7.65 -21.27
CA LYS A 48 1.70 -6.38 -21.25
C LYS A 48 0.99 -5.39 -20.32
N ILE A 49 1.73 -4.76 -19.42
CA ILE A 49 1.17 -3.83 -18.43
C ILE A 49 1.85 -2.48 -18.53
N THR A 50 1.08 -1.42 -18.28
CA THR A 50 1.62 -0.08 -18.14
C THR A 50 1.16 0.43 -16.78
N VAL A 51 1.99 1.25 -16.17
CA VAL A 51 1.79 1.84 -14.85
C VAL A 51 1.60 3.34 -15.06
N VAL A 52 0.67 3.97 -14.32
CA VAL A 52 0.52 5.43 -14.38
C VAL A 52 0.66 5.95 -12.95
N ALA A 53 1.68 6.76 -12.72
CA ALA A 53 1.93 7.43 -11.45
C ALA A 53 1.40 8.87 -11.61
N GLY A 54 1.15 9.54 -10.50
CA GLY A 54 0.63 10.91 -10.52
C GLY A 54 -0.78 11.05 -11.07
N GLU A 55 -1.55 9.96 -11.07
CA GLU A 55 -2.91 9.98 -11.57
C GLU A 55 -3.85 10.41 -10.44
N HIS A 56 -4.91 11.14 -10.79
CA HIS A 56 -5.92 11.59 -9.85
C HIS A 56 -7.29 11.21 -10.45
N ASN A 57 -7.65 11.83 -11.59
CA ASN A 57 -8.88 11.55 -12.33
C ASN A 57 -8.50 10.82 -13.63
N ILE A 58 -8.78 9.52 -13.70
CA ILE A 58 -8.46 8.66 -14.86
C ILE A 58 -9.10 9.12 -16.17
N GLU A 59 -10.10 10.02 -16.16
CA GLU A 59 -10.76 10.47 -17.39
C GLU A 59 -10.35 11.90 -17.82
N GLU A 60 -9.38 12.54 -17.13
CA GLU A 60 -8.95 13.90 -17.43
C GLU A 60 -7.44 14.05 -17.29
N THR A 61 -6.78 14.63 -18.31
CA THR A 61 -5.34 14.88 -18.28
C THR A 61 -5.05 16.04 -17.33
N GLU A 62 -4.38 15.77 -16.20
CA GLU A 62 -4.03 16.81 -15.22
C GLU A 62 -2.55 17.28 -15.30
N HIS A 63 -1.77 16.72 -16.26
CA HIS A 63 -0.37 17.07 -16.47
C HIS A 63 0.55 16.69 -15.30
N THR A 64 0.09 15.86 -14.36
CA THR A 64 0.93 15.33 -13.29
C THR A 64 1.24 13.83 -13.52
N GLU A 65 0.63 13.19 -14.55
CA GLU A 65 0.76 11.75 -14.78
C GLU A 65 2.08 11.39 -15.40
N GLN A 66 2.59 10.19 -15.05
CA GLN A 66 3.81 9.62 -15.60
C GLN A 66 3.50 8.16 -15.92
N LYS A 67 3.43 7.82 -17.22
CA LYS A 67 3.11 6.48 -17.67
C LYS A 67 4.40 5.77 -18.04
N ARG A 68 4.50 4.48 -17.66
CA ARG A 68 5.70 3.69 -17.96
C ARG A 68 5.34 2.26 -18.33
N ASN A 69 6.16 1.66 -19.20
CA ASN A 69 6.03 0.26 -19.56
C ASN A 69 6.71 -0.56 -18.48
N VAL A 70 6.21 -1.78 -18.25
CA VAL A 70 6.79 -2.71 -17.28
C VAL A 70 7.71 -3.62 -18.07
N ILE A 71 9.00 -3.64 -17.73
CA ILE A 71 10.01 -4.48 -18.43
C ILE A 71 10.31 -5.78 -17.68
N ARG A 72 9.94 -5.89 -16.42
CA ARG A 72 10.18 -7.11 -15.66
C ARG A 72 9.11 -7.26 -14.60
N ILE A 73 8.63 -8.48 -14.39
CA ILE A 73 7.64 -8.76 -13.36
C ILE A 73 8.27 -9.82 -12.47
N ILE A 74 8.34 -9.58 -11.16
CA ILE A 74 8.91 -10.53 -10.23
C ILE A 74 7.83 -10.92 -9.22
N PRO A 75 7.08 -12.00 -9.45
CA PRO A 75 6.18 -12.46 -8.38
C PRO A 75 7.05 -13.07 -7.26
N HIS A 76 6.61 -13.02 -5.97
CA HIS A 76 7.39 -13.69 -4.90
C HIS A 76 7.56 -15.19 -5.26
N HIS A 77 8.74 -15.76 -5.02
CA HIS A 77 9.00 -17.14 -5.40
C HIS A 77 8.01 -18.16 -4.76
N ASN A 78 7.30 -17.81 -3.66
CA ASN A 78 6.33 -18.74 -3.07
C ASN A 78 4.90 -18.56 -3.67
N TYR A 79 4.72 -17.64 -4.63
CA TYR A 79 3.42 -17.48 -5.30
C TYR A 79 3.24 -18.61 -6.29
N ASN A 80 2.08 -19.28 -6.23
CA ASN A 80 1.71 -20.31 -7.19
C ASN A 80 0.18 -20.26 -7.35
N ALA A 81 -0.30 -19.60 -8.42
CA ALA A 81 -1.73 -19.44 -8.68
C ALA A 81 -2.47 -20.77 -8.85
N ALA A 82 -1.81 -21.82 -9.35
CA ALA A 82 -2.46 -23.13 -9.48
C ALA A 82 -2.73 -23.78 -8.11
N ILE A 83 -2.08 -23.33 -7.03
CA ILE A 83 -2.33 -23.88 -5.69
C ILE A 83 -3.27 -22.93 -4.93
N ASN A 84 -2.96 -21.63 -4.94
CA ASN A 84 -3.80 -20.65 -4.26
C ASN A 84 -3.59 -19.29 -4.94
N LYS A 85 -4.65 -18.74 -5.54
CA LYS A 85 -4.59 -17.46 -6.28
C LYS A 85 -4.16 -16.26 -5.42
N TYR A 86 -4.46 -16.31 -4.11
CA TYR A 86 -4.27 -15.17 -3.22
C TYR A 86 -3.30 -15.37 -2.07
N ASN A 87 -2.58 -16.50 -2.00
CA ASN A 87 -1.57 -16.68 -0.96
C ASN A 87 -0.19 -16.28 -1.52
N HIS A 88 0.68 -15.69 -0.67
CA HIS A 88 1.99 -15.14 -1.10
C HIS A 88 1.76 -14.13 -2.26
N ASP A 89 0.71 -13.33 -2.14
CA ASP A 89 0.21 -12.50 -3.21
C ASP A 89 0.86 -11.14 -3.26
N ILE A 90 2.08 -11.12 -3.81
CA ILE A 90 2.87 -9.90 -3.90
C ILE A 90 3.85 -10.04 -5.07
N ALA A 91 4.04 -8.95 -5.82
CA ALA A 91 4.91 -8.97 -6.97
C ALA A 91 5.54 -7.59 -7.16
N LEU A 92 6.67 -7.54 -7.84
CA LEU A 92 7.36 -6.29 -8.10
C LEU A 92 7.40 -6.06 -9.59
N LEU A 93 7.27 -4.80 -10.04
CA LEU A 93 7.32 -4.44 -11.46
C LEU A 93 8.43 -3.45 -11.64
N GLU A 94 9.30 -3.69 -12.63
CA GLU A 94 10.40 -2.78 -12.95
C GLU A 94 9.93 -1.95 -14.14
N LEU A 95 10.14 -0.64 -14.08
CA LEU A 95 9.70 0.30 -15.12
C LEU A 95 10.79 0.50 -16.15
N ASP A 96 10.41 0.78 -17.42
CA ASP A 96 11.39 0.97 -18.50
C ASP A 96 12.26 2.17 -18.28
N GLU A 97 11.69 3.24 -17.74
CA GLU A 97 12.44 4.46 -17.47
C GLU A 97 12.02 4.94 -16.10
N PRO A 98 12.94 5.54 -15.33
CA PRO A 98 12.57 5.97 -13.99
C PRO A 98 11.50 7.06 -13.96
N LEU A 99 10.69 7.04 -12.90
CA LEU A 99 9.73 8.09 -12.62
C LEU A 99 10.55 9.29 -12.09
N VAL A 100 10.00 10.48 -12.22
CA VAL A 100 10.63 11.69 -11.73
C VAL A 100 9.88 12.01 -10.46
N LEU A 101 10.57 11.98 -9.32
CA LEU A 101 9.93 12.23 -8.05
C LEU A 101 9.53 13.68 -7.92
N ASN A 102 8.30 13.91 -7.46
CA ASN A 102 7.79 15.25 -7.27
C ASN A 102 6.61 15.19 -6.26
N SER A 103 5.84 16.27 -6.09
CA SER A 103 4.74 16.25 -5.10
C SER A 103 3.59 15.30 -5.48
N TYR A 104 3.51 14.88 -6.75
CA TYR A 104 2.48 13.95 -7.21
C TYR A 104 2.98 12.52 -7.37
N VAL A 105 4.30 12.30 -7.37
CA VAL A 105 4.92 11.00 -7.59
C VAL A 105 6.01 10.86 -6.54
N THR A 106 5.70 10.21 -5.42
CA THR A 106 6.61 10.09 -4.30
C THR A 106 6.58 8.66 -3.78
N PRO A 107 7.72 8.01 -3.40
CA PRO A 107 7.61 6.63 -2.89
C PRO A 107 6.87 6.49 -1.57
N ILE A 108 6.46 5.27 -1.24
CA ILE A 108 5.90 4.98 0.08
C ILE A 108 7.09 4.48 0.92
N CYS A 109 7.15 4.81 2.23
CA CYS A 109 8.23 4.29 3.07
C CYS A 109 7.99 2.83 3.38
N ILE A 110 9.07 2.06 3.60
CA ILE A 110 8.93 0.66 4.01
C ILE A 110 9.93 0.46 5.13
N ALA A 111 9.43 0.19 6.36
CA ALA A 111 10.25 -0.02 7.53
C ALA A 111 10.83 -1.48 7.51
N ASP A 112 11.66 -1.89 8.49
CA ASP A 112 12.15 -3.28 8.56
C ASP A 112 10.97 -4.21 8.94
N LYS A 113 11.22 -5.53 9.04
CA LYS A 113 10.16 -6.48 9.38
C LYS A 113 9.50 -6.15 10.72
N GLU A 114 10.30 -5.87 11.74
CA GLU A 114 9.77 -5.57 13.07
C GLU A 114 8.87 -4.36 13.07
N TYR A 115 9.35 -3.21 12.58
CA TYR A 115 8.58 -1.99 12.63
C TYR A 115 7.38 -2.01 11.69
N THR A 116 7.44 -2.70 10.53
CA THR A 116 6.25 -2.81 9.68
C THR A 116 5.13 -3.54 10.45
N ASN A 117 5.47 -4.55 11.26
CA ASN A 117 4.47 -5.26 12.06
C ASN A 117 3.95 -4.37 13.20
N ILE A 118 4.84 -3.60 13.85
CA ILE A 118 4.43 -2.65 14.90
C ILE A 118 3.43 -1.63 14.33
N PHE A 119 3.71 -1.07 13.15
CA PHE A 119 2.83 -0.07 12.55
C PHE A 119 1.48 -0.69 12.13
N LEU A 120 1.49 -1.91 11.58
CA LEU A 120 0.21 -2.59 11.25
C LEU A 120 -0.65 -2.73 12.54
N LYS A 121 0.00 -3.09 13.65
CA LYS A 121 -0.68 -3.28 14.93
C LYS A 121 -1.18 -1.98 15.57
N PHE A 122 -0.80 -0.77 15.03
CA PHE A 122 -1.44 0.47 15.48
C PHE A 122 -2.98 0.39 15.20
N GLY A 123 -3.40 -0.43 14.23
CA GLY A 123 -4.80 -0.79 14.03
C GLY A 123 -5.63 0.07 13.12
N SER A 124 -5.03 1.04 12.44
CA SER A 124 -5.77 1.92 11.57
C SER A 124 -4.88 2.25 10.36
N GLY A 125 -5.38 1.94 9.17
CA GLY A 125 -4.63 2.20 7.95
C GLY A 125 -5.48 2.87 6.90
N TYR A 126 -4.83 3.38 5.85
CA TYR A 126 -5.52 3.98 4.72
C TYR A 126 -5.32 3.11 3.50
N VAL A 127 -6.40 2.87 2.77
CA VAL A 127 -6.37 2.15 1.50
C VAL A 127 -6.86 3.10 0.44
N SER A 128 -6.41 2.90 -0.79
CA SER A 128 -6.82 3.76 -1.89
C SER A 128 -6.79 3.00 -3.22
N GLY A 129 -7.55 3.50 -4.19
CA GLY A 129 -7.56 2.90 -5.51
C GLY A 129 -8.72 3.36 -6.36
N TRP A 130 -8.70 2.96 -7.63
CA TRP A 130 -9.77 3.28 -8.58
C TRP A 130 -10.70 2.07 -8.80
N GLY A 131 -10.79 1.17 -7.83
CA GLY A 131 -11.66 0.01 -7.93
C GLY A 131 -13.12 0.34 -7.81
N ARG A 132 -13.95 -0.70 -7.80
CA ARG A 132 -15.42 -0.56 -7.75
C ARG A 132 -15.86 0.24 -6.53
N VAL A 133 -16.81 1.17 -6.74
CA VAL A 133 -17.39 2.00 -5.67
C VAL A 133 -18.65 1.34 -5.05
N PHE A 134 -19.15 0.22 -5.63
CA PHE A 134 -20.25 -0.59 -5.10
C PHE A 134 -19.97 -2.07 -5.46
N HIS A 135 -20.59 -3.01 -4.73
CA HIS A 135 -20.51 -4.45 -5.05
C HIS A 135 -21.08 -4.67 -6.48
N LYS A 136 -20.28 -5.27 -7.40
CA LYS A 136 -20.66 -5.49 -8.81
C LYS A 136 -20.96 -4.16 -9.52
N GLY A 137 -20.35 -3.06 -9.09
CA GLY A 137 -20.64 -1.74 -9.63
C GLY A 137 -19.53 -1.13 -10.45
N ALA A 138 -19.74 0.13 -10.81
CA ALA A 138 -18.80 0.90 -11.60
C ALA A 138 -17.53 1.22 -10.83
N SER A 139 -16.43 1.37 -11.56
CA SER A 139 -15.13 1.76 -11.03
C SER A 139 -15.07 3.27 -10.89
N ALA A 140 -14.18 3.75 -10.05
CA ALA A 140 -14.04 5.17 -9.78
C ALA A 140 -13.26 5.85 -10.89
N LEU A 141 -13.59 7.12 -11.10
CA LEU A 141 -12.89 8.00 -12.04
C LEU A 141 -11.86 8.81 -11.25
N VAL A 142 -12.24 9.34 -10.07
CA VAL A 142 -11.33 10.03 -9.17
C VAL A 142 -10.83 9.01 -8.18
N LEU A 143 -9.54 9.10 -7.79
CA LEU A 143 -8.95 8.19 -6.81
C LEU A 143 -9.73 8.26 -5.49
N GLN A 144 -10.07 7.11 -4.92
CA GLN A 144 -10.82 7.03 -3.66
C GLN A 144 -9.92 6.60 -2.54
N TYR A 145 -10.25 6.96 -1.31
CA TYR A 145 -9.48 6.52 -0.14
C TYR A 145 -10.41 6.24 1.00
N LEU A 146 -9.95 5.41 1.94
CA LEU A 146 -10.74 5.05 3.09
C LEU A 146 -9.85 4.59 4.21
N ARG A 147 -10.14 5.04 5.44
CA ARG A 147 -9.47 4.59 6.64
C ARG A 147 -10.19 3.32 7.07
N VAL A 148 -9.45 2.22 7.27
CA VAL A 148 -10.05 0.95 7.68
C VAL A 148 -9.41 0.44 8.96
N PRO A 149 -10.22 0.06 9.98
CA PRO A 149 -9.63 -0.50 11.18
C PRO A 149 -9.17 -1.95 10.96
N LEU A 150 -8.13 -2.33 11.66
CA LEU A 150 -7.63 -3.71 11.64
C LEU A 150 -8.65 -4.57 12.40
N VAL A 151 -8.89 -5.77 11.94
CA VAL A 151 -9.83 -6.69 12.59
C VAL A 151 -9.06 -7.81 13.21
N ASP A 152 -9.40 -8.19 14.45
CA ASP A 152 -8.67 -9.27 15.14
C ASP A 152 -8.79 -10.59 14.38
N ARG A 153 -7.74 -11.41 14.44
CA ARG A 153 -7.66 -12.66 13.70
C ARG A 153 -8.84 -13.60 14.01
N ALA A 154 -9.24 -13.73 15.28
CA ALA A 154 -10.36 -14.63 15.61
C ALA A 154 -11.66 -14.21 14.88
N THR A 155 -11.98 -12.92 14.89
CA THR A 155 -13.15 -12.36 14.18
C THR A 155 -13.02 -12.60 12.67
N CYS A 156 -11.80 -12.37 12.16
CA CYS A 156 -11.46 -12.56 10.76
C CYS A 156 -11.71 -14.02 10.32
N LEU A 157 -11.19 -15.00 11.08
CA LEU A 157 -11.39 -16.41 10.76
C LEU A 157 -12.87 -16.81 10.75
N ARG A 158 -13.66 -16.27 11.67
CA ARG A 158 -15.10 -16.57 11.73
C ARG A 158 -15.89 -15.96 10.57
N SER A 159 -15.36 -14.93 9.92
CA SER A 159 -16.07 -14.22 8.86
C SER A 159 -16.17 -14.99 7.54
N THR A 160 -15.31 -15.99 7.31
CA THR A 160 -15.24 -16.68 6.03
C THR A 160 -14.91 -18.16 6.17
N LYS A 161 -15.34 -18.95 5.17
CA LYS A 161 -15.02 -20.37 5.08
C LYS A 161 -13.61 -20.55 4.45
N PHE A 162 -13.11 -19.55 3.70
CA PHE A 162 -11.80 -19.60 3.06
C PHE A 162 -10.70 -19.48 4.11
N THR A 163 -9.51 -19.97 3.76
CA THR A 163 -8.37 -19.95 4.67
C THR A 163 -7.66 -18.59 4.72
N ILE A 164 -7.50 -18.05 5.93
CA ILE A 164 -6.78 -16.79 6.13
C ILE A 164 -5.47 -17.19 6.78
N TYR A 165 -4.37 -17.03 6.07
CA TYR A 165 -3.07 -17.42 6.61
C TYR A 165 -2.54 -16.37 7.59
N ASN A 166 -1.51 -16.71 8.38
CA ASN A 166 -1.01 -15.80 9.41
C ASN A 166 -0.36 -14.54 8.85
N ASN A 167 0.15 -14.56 7.61
CA ASN A 167 0.70 -13.34 7.01
C ASN A 167 -0.27 -12.67 6.04
N MET A 168 -1.56 -12.80 6.37
CA MET A 168 -2.65 -12.07 5.78
C MET A 168 -3.35 -11.42 6.98
N PHE A 169 -4.06 -10.35 6.73
CA PHE A 169 -4.85 -9.70 7.79
C PHE A 169 -6.18 -9.22 7.18
N CYS A 170 -7.17 -9.01 8.06
CA CYS A 170 -8.53 -8.54 7.74
C CYS A 170 -8.57 -7.10 8.12
N ALA A 171 -9.34 -6.30 7.39
CA ALA A 171 -9.56 -4.91 7.78
C ALA A 171 -10.91 -4.48 7.24
N GLY A 172 -11.57 -3.61 7.98
CA GLY A 172 -12.90 -3.14 7.59
C GLY A 172 -13.80 -2.94 8.79
N PHE A 173 -15.11 -2.80 8.49
CA PHE A 173 -16.12 -2.48 9.47
C PHE A 173 -17.08 -3.62 9.73
N HIS A 174 -17.47 -3.75 10.99
CA HIS A 174 -18.41 -4.78 11.46
C HIS A 174 -19.71 -4.79 10.62
N GLU A 175 -20.24 -3.60 10.31
CA GLU A 175 -21.49 -3.50 9.57
C GLU A 175 -21.32 -3.30 8.06
N GLY A 176 -20.13 -3.53 7.53
CA GLY A 176 -19.87 -3.35 6.11
C GLY A 176 -19.99 -1.89 5.72
N GLY A 177 -20.53 -1.64 4.54
CA GLY A 177 -20.74 -0.28 4.03
C GLY A 177 -19.52 0.40 3.48
N ARG A 178 -18.32 0.10 4.01
CA ARG A 178 -17.08 0.74 3.56
C ARG A 178 -16.03 -0.33 3.42
N ASP A 179 -15.32 -0.38 2.28
CA ASP A 179 -14.36 -1.47 2.05
C ASP A 179 -13.53 -1.24 0.82
N SER A 180 -12.51 -2.06 0.62
CA SER A 180 -11.78 -2.11 -0.64
C SER A 180 -12.69 -2.96 -1.58
N CYS A 181 -12.36 -2.99 -2.86
CA CYS A 181 -13.12 -3.80 -3.82
C CYS A 181 -12.25 -4.14 -5.00
N GLN A 182 -12.75 -4.99 -5.90
CA GLN A 182 -12.00 -5.38 -7.09
C GLN A 182 -11.60 -4.15 -7.91
N GLY A 183 -10.33 -4.09 -8.30
CA GLY A 183 -9.76 -2.95 -9.00
C GLY A 183 -8.82 -2.18 -8.09
N ASP A 184 -9.04 -2.26 -6.76
CA ASP A 184 -8.12 -1.71 -5.77
C ASP A 184 -6.98 -2.67 -5.49
N SER A 185 -7.17 -3.99 -5.76
CA SER A 185 -6.18 -5.05 -5.53
C SER A 185 -4.80 -4.65 -6.02
N GLY A 186 -3.79 -5.00 -5.24
CA GLY A 186 -2.41 -4.60 -5.52
C GLY A 186 -2.05 -3.24 -4.94
N GLY A 187 -3.05 -2.43 -4.60
CA GLY A 187 -2.81 -1.10 -4.07
C GLY A 187 -2.33 -1.13 -2.65
N PRO A 188 -2.05 0.05 -2.10
CA PRO A 188 -1.50 0.12 -0.75
C PRO A 188 -2.48 0.20 0.41
N HIS A 189 -2.02 -0.35 1.53
CA HIS A 189 -2.60 -0.19 2.85
C HIS A 189 -1.46 0.45 3.61
N VAL A 190 -1.62 1.71 4.03
CA VAL A 190 -0.53 2.44 4.68
C VAL A 190 -0.93 2.90 6.08
N THR A 191 0.07 3.05 6.95
CA THR A 191 -0.14 3.52 8.32
C THR A 191 0.65 4.81 8.48
N GLU A 192 0.01 5.88 9.00
CA GLU A 192 0.65 7.15 9.21
C GLU A 192 1.36 7.12 10.56
N VAL A 193 2.67 7.37 10.57
CA VAL A 193 3.49 7.38 11.77
C VAL A 193 4.04 8.80 11.92
N GLU A 194 3.31 9.63 12.66
CA GLU A 194 3.71 11.02 12.89
C GLU A 194 3.91 11.80 11.59
N GLY A 195 2.98 11.67 10.65
CA GLY A 195 3.06 12.42 9.40
C GLY A 195 3.87 11.80 8.29
N THR A 196 4.34 10.56 8.45
CA THR A 196 5.08 9.82 7.42
C THR A 196 4.34 8.50 7.25
N SER A 197 3.93 8.16 6.01
CA SER A 197 3.20 6.94 5.75
C SER A 197 4.15 5.81 5.41
N PHE A 198 3.84 4.62 5.93
CA PHE A 198 4.62 3.41 5.74
C PHE A 198 3.69 2.35 5.17
N LEU A 199 4.20 1.53 4.25
CA LEU A 199 3.39 0.49 3.65
C LEU A 199 3.28 -0.66 4.65
N THR A 200 2.05 -0.99 5.07
CA THR A 200 1.83 -2.09 6.03
C THR A 200 1.07 -3.28 5.40
N GLY A 201 0.44 -3.09 4.23
CA GLY A 201 -0.26 -4.19 3.58
C GLY A 201 -0.45 -3.96 2.10
N ILE A 202 -0.72 -5.04 1.36
CA ILE A 202 -1.07 -4.96 -0.05
C ILE A 202 -2.55 -5.29 -0.06
N ILE A 203 -3.40 -4.51 -0.78
CA ILE A 203 -4.82 -4.85 -0.93
C ILE A 203 -4.87 -6.16 -1.73
N SER A 204 -5.50 -7.23 -1.20
CA SER A 204 -5.43 -8.53 -1.88
C SER A 204 -6.76 -9.08 -2.41
N TRP A 205 -7.70 -9.45 -1.53
CA TRP A 205 -8.94 -10.08 -1.99
C TRP A 205 -10.07 -9.93 -0.96
N GLY A 206 -11.17 -10.54 -1.25
CA GLY A 206 -12.33 -10.58 -0.37
C GLY A 206 -13.50 -11.20 -1.10
N GLU A 207 -14.60 -11.29 -0.41
CA GLU A 207 -15.82 -11.84 -0.97
C GLU A 207 -16.68 -10.63 -1.39
N GLU A 208 -17.98 -10.54 -1.03
N GLU A 208 -17.97 -10.54 -1.04
CA GLU A 208 -18.81 -9.42 -1.42
CA GLU A 208 -18.81 -9.42 -1.48
C GLU A 208 -18.28 -8.14 -0.78
C GLU A 208 -18.38 -8.14 -0.81
N CYS A 209 -17.95 -7.14 -1.61
CA CYS A 209 -17.44 -5.86 -1.11
C CYS A 209 -18.45 -5.19 -0.21
N ALA A 210 -17.99 -4.72 0.95
CA ALA A 210 -18.81 -3.97 1.92
C ALA A 210 -20.01 -4.72 2.50
N MET A 211 -20.03 -6.08 2.44
N MET A 211 -19.99 -6.07 2.46
CA MET A 211 -21.13 -6.83 3.02
CA MET A 211 -21.06 -6.86 3.03
C MET A 211 -20.86 -7.03 4.49
C MET A 211 -20.82 -7.00 4.51
N LYS A 212 -21.87 -6.79 5.33
CA LYS A 212 -21.80 -6.97 6.80
C LYS A 212 -21.42 -8.40 7.11
N GLY A 213 -20.37 -8.56 7.91
CA GLY A 213 -19.86 -9.88 8.30
C GLY A 213 -18.66 -10.32 7.46
N LYS A 214 -18.32 -9.58 6.41
CA LYS A 214 -17.19 -9.86 5.54
C LYS A 214 -16.22 -8.70 5.65
N TYR A 215 -14.93 -8.98 5.44
CA TYR A 215 -13.86 -8.01 5.53
C TYR A 215 -12.95 -8.12 4.32
N GLY A 216 -12.22 -7.06 4.06
CA GLY A 216 -11.21 -7.07 3.02
C GLY A 216 -10.02 -7.82 3.59
N ILE A 217 -9.31 -8.59 2.74
CA ILE A 217 -8.14 -9.39 3.12
C ILE A 217 -6.94 -8.76 2.45
N TYR A 218 -5.86 -8.67 3.21
CA TYR A 218 -4.65 -7.95 2.81
C TYR A 218 -3.43 -8.81 3.07
N THR A 219 -2.36 -8.57 2.34
CA THR A 219 -1.10 -9.28 2.57
C THR A 219 -0.29 -8.47 3.54
N LYS A 220 0.30 -9.09 4.59
CA LYS A 220 1.19 -8.35 5.50
C LYS A 220 2.50 -8.03 4.78
N VAL A 221 2.85 -6.76 4.63
CA VAL A 221 4.11 -6.38 4.00
C VAL A 221 5.30 -6.80 4.87
N SER A 222 5.15 -6.88 6.20
CA SER A 222 6.27 -7.27 7.09
C SER A 222 6.93 -8.59 6.68
N ARG A 223 6.11 -9.53 6.21
CA ARG A 223 6.54 -10.86 5.73
C ARG A 223 7.49 -10.79 4.52
N TYR A 224 7.47 -9.69 3.74
CA TYR A 224 8.21 -9.58 2.48
C TYR A 224 9.22 -8.44 2.40
N VAL A 225 9.45 -7.71 3.50
CA VAL A 225 10.36 -6.54 3.48
C VAL A 225 11.79 -6.86 2.95
N ASN A 226 12.47 -7.94 3.41
N ASN A 226 12.43 -7.93 3.40
CA ASN A 226 13.83 -8.27 2.93
CA ASN A 226 13.79 -8.25 2.99
C ASN A 226 13.80 -8.47 1.42
C ASN A 226 13.83 -8.54 1.48
N TRP A 227 12.82 -9.25 0.95
CA TRP A 227 12.71 -9.52 -0.50
C TRP A 227 12.48 -8.22 -1.29
N ILE A 228 11.56 -7.34 -0.82
CA ILE A 228 11.32 -6.07 -1.52
C ILE A 228 12.60 -5.23 -1.60
N LYS A 229 13.27 -5.07 -0.47
CA LYS A 229 14.48 -4.24 -0.44
C LYS A 229 15.62 -4.87 -1.27
N GLU A 230 15.73 -6.21 -1.31
CA GLU A 230 16.77 -6.88 -2.10
C GLU A 230 16.53 -6.70 -3.59
N LYS A 231 15.30 -6.97 -4.07
CA LYS A 231 15.03 -6.91 -5.51
C LYS A 231 14.96 -5.47 -6.04
N THR A 232 14.55 -4.48 -5.21
CA THR A 232 14.40 -3.10 -5.70
C THR A 232 15.62 -2.20 -5.48
N LYS A 233 16.72 -2.72 -4.93
CA LYS A 233 17.95 -1.94 -4.73
C LYS A 233 18.40 -1.20 -5.99
N LEU A 234 18.69 0.11 -5.89
CA LEU A 234 19.18 0.90 -7.03
C LEU A 234 20.71 1.10 -6.86
N VAL B 3 14.42 6.19 27.90
CA VAL B 3 15.35 5.29 28.57
C VAL B 3 15.39 3.88 27.92
N THR B 4 14.30 3.43 27.28
CA THR B 4 14.26 2.11 26.65
C THR B 4 13.26 2.09 25.49
N CYS B 5 13.54 1.33 24.42
CA CYS B 5 12.64 1.26 23.26
C CYS B 5 11.32 0.59 23.62
N ASN B 6 11.30 -0.30 24.63
CA ASN B 6 10.09 -1.00 25.04
C ASN B 6 9.06 -0.10 25.76
N ILE B 7 9.34 1.22 25.91
CA ILE B 7 8.43 2.17 26.57
C ILE B 7 8.41 3.45 25.74
N LYS B 8 7.29 3.73 25.05
CA LYS B 8 7.13 4.92 24.21
C LYS B 8 8.12 4.96 23.03
N ASN B 9 8.63 3.81 22.58
CA ASN B 9 9.59 3.71 21.47
C ASN B 9 10.88 4.52 21.77
N GLY B 10 11.26 4.62 23.03
CA GLY B 10 12.40 5.43 23.43
C GLY B 10 12.28 6.90 23.04
N ARG B 11 11.03 7.37 22.85
CA ARG B 11 10.71 8.74 22.40
C ARG B 11 11.15 9.01 20.94
N CYS B 12 11.58 7.96 20.18
CA CYS B 12 12.00 8.10 18.79
C CYS B 12 10.78 8.26 17.90
N GLU B 13 10.80 9.22 16.96
CA GLU B 13 9.68 9.44 16.05
C GLU B 13 9.48 8.23 15.12
N GLN B 14 10.57 7.63 14.63
CA GLN B 14 10.46 6.46 13.76
C GLN B 14 11.05 5.21 14.45
N PHE B 15 12.39 4.98 14.37
CA PHE B 15 12.98 3.74 14.86
C PHE B 15 13.88 3.90 16.09
N CYS B 16 13.87 2.90 16.96
CA CYS B 16 14.62 2.87 18.20
C CYS B 16 15.48 1.62 18.27
N LYS B 17 16.61 1.73 18.96
CA LYS B 17 17.58 0.65 19.16
C LYS B 17 18.18 0.83 20.55
N ASN B 18 18.29 -0.25 21.34
CA ASN B 18 18.88 -0.19 22.67
C ASN B 18 20.41 -0.30 22.58
N VAL B 24 19.30 4.70 24.44
CA VAL B 24 18.58 4.53 23.16
C VAL B 24 19.28 5.29 22.04
N VAL B 25 19.16 4.78 20.82
CA VAL B 25 19.70 5.41 19.61
C VAL B 25 18.54 5.46 18.63
N CYS B 26 18.06 6.66 18.31
CA CYS B 26 16.97 6.82 17.35
C CYS B 26 17.53 6.83 15.93
N SER B 27 16.71 6.40 14.98
CA SER B 27 17.06 6.38 13.57
C SER B 27 15.80 6.60 12.73
N CYS B 28 16.00 6.87 11.46
CA CYS B 28 14.96 7.23 10.51
C CYS B 28 15.09 6.38 9.26
N THR B 29 14.00 6.32 8.48
CA THR B 29 13.97 5.59 7.21
C THR B 29 14.72 6.42 6.16
N GLU B 30 15.09 5.80 5.04
CA GLU B 30 15.82 6.46 3.95
C GLU B 30 15.10 7.72 3.48
N GLY B 31 15.87 8.77 3.22
CA GLY B 31 15.36 10.08 2.81
C GLY B 31 15.17 11.06 3.96
N TYR B 32 15.39 10.60 5.22
CA TYR B 32 15.27 11.40 6.44
C TYR B 32 16.55 11.30 7.24
N ARG B 33 16.80 12.31 8.06
CA ARG B 33 17.95 12.33 8.97
C ARG B 33 17.44 12.62 10.36
N LEU B 34 18.22 12.20 11.37
CA LEU B 34 17.84 12.43 12.73
C LEU B 34 18.05 13.90 13.07
N ALA B 35 16.97 14.56 13.52
CA ALA B 35 16.98 15.99 13.86
C ALA B 35 17.90 16.32 15.05
N GLU B 36 18.22 17.60 15.23
CA GLU B 36 19.04 18.13 16.32
C GLU B 36 18.65 17.56 17.70
N ASN B 37 17.36 17.34 17.96
CA ASN B 37 16.91 16.81 19.26
C ASN B 37 17.17 15.31 19.47
N GLN B 38 17.78 14.62 18.49
CA GLN B 38 18.13 13.20 18.55
C GLN B 38 16.90 12.26 18.68
N LYS B 39 15.69 12.75 18.39
CA LYS B 39 14.48 11.94 18.48
C LYS B 39 13.68 12.05 17.16
N SER B 40 13.40 13.29 16.73
CA SER B 40 12.62 13.56 15.53
C SER B 40 13.36 13.25 14.22
N CYS B 41 12.59 13.05 13.15
CA CYS B 41 13.09 12.75 11.81
C CYS B 41 12.72 13.91 10.91
N GLU B 42 13.66 14.40 10.09
CA GLU B 42 13.38 15.50 9.21
C GLU B 42 13.81 15.17 7.78
N PRO B 43 13.15 15.73 6.74
CA PRO B 43 13.58 15.44 5.36
C PRO B 43 15.05 15.75 5.10
N ALA B 44 15.73 14.82 4.45
CA ALA B 44 17.13 14.97 4.03
C ALA B 44 17.24 15.03 2.48
N VAL B 45 16.11 14.93 1.72
CA VAL B 45 16.06 14.97 0.26
C VAL B 45 14.84 15.81 -0.20
N PRO B 46 14.76 16.22 -1.48
CA PRO B 46 13.60 17.01 -1.91
C PRO B 46 12.23 16.35 -1.70
N PHE B 47 12.05 15.08 -2.09
CA PHE B 47 10.77 14.38 -1.96
C PHE B 47 10.93 13.08 -1.18
N PRO B 48 11.04 13.15 0.17
CA PRO B 48 11.18 11.92 0.95
C PRO B 48 9.92 11.05 0.91
N CYS B 49 10.11 9.75 1.08
CA CYS B 49 9.01 8.80 1.03
C CYS B 49 7.92 9.11 2.04
N GLY B 50 6.71 8.68 1.69
CA GLY B 50 5.54 8.73 2.56
C GLY B 50 5.09 10.08 3.03
N ARG B 51 5.37 11.17 2.30
CA ARG B 51 4.89 12.49 2.73
C ARG B 51 4.14 13.22 1.64
N VAL B 52 3.10 13.96 2.04
CA VAL B 52 2.28 14.76 1.16
C VAL B 52 2.95 16.12 1.12
N SER B 53 3.27 16.61 -0.09
CA SER B 53 3.88 17.94 -0.23
C SER B 53 3.02 18.90 -1.07
N VAL B 54 1.89 18.45 -1.68
CA VAL B 54 0.98 19.38 -2.38
C VAL B 54 0.10 20.01 -1.28
N SER B 55 -0.35 21.24 -1.47
CA SER B 55 -1.26 21.88 -0.51
C SER B 55 -2.59 21.08 -0.48
N GLN B 56 -3.13 20.84 0.73
CA GLN B 56 -4.35 20.06 0.90
C GLN B 56 -5.49 20.93 1.39
#